data_7KVI
#
_entry.id   7KVI
#
_cell.length_a   76.820
_cell.length_b   102.570
_cell.length_c   126.390
_cell.angle_alpha   90.00
_cell.angle_beta   90.00
_cell.angle_gamma   90.00
#
_symmetry.space_group_name_H-M   'I 2 2 2'
#
loop_
_entity.id
_entity.type
_entity.pdbx_description
1 polymer 'Cytochrome P450 3A4'
2 non-polymer 'PROTOPORPHYRIN IX CONTAINING FE'
3 non-polymer GLYCEROL
4 non-polymer 'tert-butyl [(2R)-1-{[(2S)-1-oxo-3-phenyl-1-{[3-(pyridin-3-yl)propyl]amino}propan-2-yl]sulfanyl}-3-phenylpropan-2-yl]carbamate'
5 water water
#
_entity_poly.entity_id   1
_entity_poly.type   'polypeptide(L)'
_entity_poly.pdbx_seq_one_letter_code
;MAYLYGTHSHGLFKKLGIPGPTPLPFLGNILSYHKGFCMFDMECHKKYGKVWGFYDGQQPVLAITDPDMIKTVLVKECYS
VFTNRRPFGPVGFMKSAISIAEDEEWKRLRSLLSPTFTSGKLKEMVPIIAQYGDVLVRNLRREAETGKPVTLKDVFGAYS
MDVITSTSFGVNIDSLNNPQDPFVENTKKLLRFDFLDPFFLSITVFPFLIPILEVLNICVFPREVTNFLRKSVKRMKESR
LEDTQKHRVDFLQLMIDSQNSKETESHKALSDLELVAQSIIFIFAGYETTSSVLSFIMYELATHPDVQQKLQEEIDAVLP
NKAPPTYDTVLQMEYLDMVVNETLRLFPIAMRLERVCKKDVEINGMFIPKGVVVMIPSYALHRDPKYWTEPEKFLPERFS
KKNKDNIDPYIYTPFGSGPRNCIGMRFALMNMKLALIRVLQNFSFKPCKETQIPLKLSLGGLLQPEKPVVLKVESRDGTV
SGAHHHH
;
_entity_poly.pdbx_strand_id   A
#
loop_
_chem_comp.id
_chem_comp.type
_chem_comp.name
_chem_comp.formula
GOL non-polymer GLYCEROL 'C3 H8 O3'
HEM non-polymer 'PROTOPORPHYRIN IX CONTAINING FE' 'C34 H32 Fe N4 O4'
X7P non-polymer 'tert-butyl [(2R)-1-{[(2S)-1-oxo-3-phenyl-1-{[3-(pyridin-3-yl)propyl]amino}propan-2-yl]sulfanyl}-3-phenylpropan-2-yl]carbamate' 'C31 H39 N3 O3 S'
#
# COMPACT_ATOMS: atom_id res chain seq x y z
N HIS A 8 -16.10 -25.11 19.60
CA HIS A 8 -14.84 -25.42 18.96
C HIS A 8 -14.15 -24.15 18.46
N SER A 9 -13.22 -23.64 19.29
CA SER A 9 -12.41 -22.46 18.97
C SER A 9 -13.25 -21.20 18.78
N HIS A 10 -14.56 -21.29 19.00
CA HIS A 10 -15.45 -20.15 18.85
C HIS A 10 -15.82 -19.61 20.23
N GLY A 11 -15.21 -20.13 21.29
CA GLY A 11 -15.49 -19.65 22.63
C GLY A 11 -14.29 -18.95 23.26
N LEU A 12 -13.37 -18.47 22.43
CA LEU A 12 -12.17 -17.83 22.96
C LEU A 12 -12.49 -16.46 23.53
N PHE A 13 -13.00 -15.55 22.69
CA PHE A 13 -13.37 -14.22 23.17
C PHE A 13 -14.52 -14.29 24.17
N LYS A 14 -15.33 -15.35 24.11
CA LYS A 14 -16.38 -15.53 25.11
C LYS A 14 -15.79 -15.74 26.49
N LYS A 15 -14.73 -16.55 26.59
CA LYS A 15 -14.09 -16.80 27.87
C LYS A 15 -13.31 -15.58 28.36
N LEU A 16 -12.58 -14.92 27.45
CA LEU A 16 -11.74 -13.79 27.83
C LEU A 16 -12.56 -12.55 28.21
N GLY A 17 -13.87 -12.57 28.00
CA GLY A 17 -14.69 -11.40 28.30
C GLY A 17 -14.57 -10.29 27.29
N ILE A 18 -14.26 -10.61 26.04
CA ILE A 18 -14.10 -9.63 24.97
C ILE A 18 -15.38 -9.62 24.15
N PRO A 19 -15.99 -8.45 23.91
CA PRO A 19 -17.21 -8.40 23.10
C PRO A 19 -16.91 -8.65 21.63
N GLY A 20 -17.98 -8.81 20.86
CA GLY A 20 -17.87 -9.04 19.44
C GLY A 20 -19.10 -9.71 18.88
N PRO A 21 -19.17 -9.80 17.55
CA PRO A 21 -20.32 -10.46 16.92
C PRO A 21 -20.28 -11.97 17.11
N THR A 22 -21.45 -12.55 17.30
CA THR A 22 -21.54 -13.99 17.52
C THR A 22 -21.18 -14.74 16.25
N PRO A 23 -20.21 -15.65 16.29
CA PRO A 23 -19.81 -16.35 15.07
C PRO A 23 -20.69 -17.56 14.75
N LEU A 24 -20.85 -17.82 13.46
CA LEU A 24 -21.54 -18.98 12.94
C LEU A 24 -20.56 -20.15 12.79
N PRO A 25 -21.06 -21.39 12.84
CA PRO A 25 -20.17 -22.54 12.67
C PRO A 25 -19.44 -22.50 11.34
N PHE A 26 -18.17 -22.90 11.36
CA PHE A 26 -17.31 -22.97 10.18
C PHE A 26 -17.03 -21.58 9.63
N LEU A 27 -18.09 -20.82 9.29
CA LEU A 27 -17.90 -19.52 8.66
C LEU A 27 -17.34 -18.46 9.59
N GLY A 28 -17.77 -18.45 10.85
CA GLY A 28 -17.35 -17.38 11.75
C GLY A 28 -18.16 -16.14 11.49
N ASN A 29 -17.47 -15.02 11.28
CA ASN A 29 -18.10 -13.74 11.00
C ASN A 29 -17.84 -13.26 9.58
N ILE A 30 -17.44 -14.16 8.68
CA ILE A 30 -17.09 -13.75 7.32
C ILE A 30 -18.31 -13.31 6.53
N LEU A 31 -19.52 -13.72 6.92
CA LEU A 31 -20.71 -13.24 6.25
C LEU A 31 -20.92 -11.75 6.44
N SER A 32 -20.37 -11.17 7.51
CA SER A 32 -20.46 -9.73 7.73
C SER A 32 -19.55 -8.95 6.79
N TYR A 33 -18.72 -9.62 5.99
CA TYR A 33 -17.89 -8.97 4.99
C TYR A 33 -18.65 -8.62 3.72
N HIS A 34 -19.98 -8.79 3.70
CA HIS A 34 -20.75 -8.51 2.49
C HIS A 34 -20.65 -7.04 2.10
N LYS A 35 -20.52 -6.15 3.07
CA LYS A 35 -20.21 -4.75 2.82
C LYS A 35 -18.72 -4.47 2.93
N GLY A 36 -17.89 -5.50 2.90
CA GLY A 36 -16.46 -5.34 3.03
C GLY A 36 -16.02 -5.13 4.46
N PHE A 37 -14.71 -5.14 4.66
CA PHE A 37 -14.18 -5.05 6.02
C PHE A 37 -14.09 -3.61 6.53
N CYS A 38 -13.96 -2.61 5.65
CA CYS A 38 -13.86 -1.25 6.19
C CYS A 38 -15.20 -0.80 6.78
N MET A 39 -16.30 -1.17 6.14
CA MET A 39 -17.60 -0.93 6.76
C MET A 39 -17.84 -1.85 7.94
N PHE A 40 -17.21 -3.03 7.95
CA PHE A 40 -17.33 -3.95 9.08
C PHE A 40 -16.51 -3.49 10.27
N ASP A 41 -15.35 -2.88 10.02
CA ASP A 41 -14.52 -2.40 11.11
C ASP A 41 -15.13 -1.16 11.76
N MET A 42 -15.79 -0.30 10.97
CA MET A 42 -16.42 0.89 11.51
CA MET A 42 -16.42 0.89 11.53
C MET A 42 -17.61 0.52 12.41
N GLU A 43 -18.42 -0.46 11.98
CA GLU A 43 -19.57 -0.86 12.77
C GLU A 43 -19.14 -1.52 14.08
N CYS A 44 -18.13 -2.38 14.03
CA CYS A 44 -17.65 -3.03 15.25
C CYS A 44 -16.98 -2.04 16.18
N HIS A 45 -16.38 -0.98 15.63
CA HIS A 45 -15.76 0.04 16.47
C HIS A 45 -16.81 0.83 17.25
N LYS A 46 -18.04 0.91 16.75
CA LYS A 46 -19.11 1.64 17.40
C LYS A 46 -19.85 0.79 18.42
N LYS A 47 -20.26 -0.42 18.02
CA LYS A 47 -21.11 -1.24 18.88
C LYS A 47 -20.36 -1.79 20.08
N TYR A 48 -19.06 -2.05 19.94
CA TYR A 48 -18.30 -2.74 20.97
C TYR A 48 -17.28 -1.88 21.69
N GLY A 49 -16.80 -0.80 21.07
CA GLY A 49 -15.95 0.13 21.77
C GLY A 49 -14.49 0.10 21.39
N LYS A 50 -13.61 -0.01 22.39
CA LYS A 50 -12.17 0.09 22.14
C LYS A 50 -11.59 -1.20 21.59
N VAL A 51 -12.06 -2.35 22.06
CA VAL A 51 -11.58 -3.64 21.59
C VAL A 51 -12.77 -4.54 21.31
N TRP A 52 -12.57 -5.47 20.38
CA TRP A 52 -13.60 -6.45 20.05
C TRP A 52 -12.92 -7.63 19.37
N GLY A 53 -13.67 -8.73 19.25
CA GLY A 53 -13.14 -9.93 18.66
C GLY A 53 -14.11 -10.65 17.73
N PHE A 54 -13.63 -11.05 16.56
CA PHE A 54 -14.41 -11.81 15.60
C PHE A 54 -13.56 -12.98 15.09
N TYR A 55 -14.13 -13.77 14.18
CA TYR A 55 -13.50 -14.99 13.70
C TYR A 55 -13.53 -15.02 12.18
N ASP A 56 -12.34 -15.11 11.57
CA ASP A 56 -12.22 -15.39 10.15
C ASP A 56 -12.24 -16.90 9.96
N GLY A 57 -13.45 -17.45 9.94
CA GLY A 57 -13.63 -18.89 9.94
C GLY A 57 -13.42 -19.45 11.34
N GLN A 58 -12.33 -20.17 11.53
CA GLN A 58 -11.94 -20.65 12.85
C GLN A 58 -10.80 -19.83 13.45
N GLN A 59 -10.32 -18.81 12.75
CA GLN A 59 -9.19 -18.02 13.21
C GLN A 59 -9.67 -16.84 14.04
N PRO A 60 -9.38 -16.79 15.34
CA PRO A 60 -9.78 -15.64 16.15
C PRO A 60 -8.97 -14.41 15.77
N VAL A 61 -9.67 -13.28 15.66
CA VAL A 61 -9.05 -11.99 15.34
C VAL A 61 -9.42 -11.01 16.43
N LEU A 62 -8.41 -10.48 17.12
CA LEU A 62 -8.60 -9.50 18.17
C LEU A 62 -8.22 -8.12 17.64
N ALA A 63 -9.18 -7.20 17.64
CA ALA A 63 -8.96 -5.83 17.19
C ALA A 63 -8.68 -4.93 18.38
N ILE A 64 -7.73 -4.02 18.20
CA ILE A 64 -7.33 -3.08 19.23
C ILE A 64 -7.34 -1.67 18.64
N THR A 65 -7.73 -0.70 19.47
CA THR A 65 -7.75 0.69 19.04
C THR A 65 -7.08 1.65 20.03
N ASP A 66 -6.50 1.14 21.10
CA ASP A 66 -5.81 2.01 22.05
C ASP A 66 -4.41 2.33 21.54
N PRO A 67 -4.05 3.61 21.46
CA PRO A 67 -2.73 3.96 20.88
C PRO A 67 -1.56 3.41 21.67
N ASP A 68 -1.68 3.29 23.00
CA ASP A 68 -0.60 2.71 23.79
C ASP A 68 -0.46 1.22 23.50
N MET A 69 -1.59 0.51 23.35
CA MET A 69 -1.53 -0.91 23.05
C MET A 69 -1.09 -1.18 21.62
N ILE A 70 -1.43 -0.27 20.70
CA ILE A 70 -0.96 -0.41 19.32
C ILE A 70 0.55 -0.27 19.24
N LYS A 71 1.12 0.66 20.02
CA LYS A 71 2.57 0.83 20.06
C LYS A 71 3.26 -0.41 20.62
N THR A 72 2.63 -1.06 21.60
CA THR A 72 3.22 -2.27 22.16
C THR A 72 3.26 -3.40 21.14
N VAL A 73 2.22 -3.52 20.31
CA VAL A 73 2.17 -4.60 19.33
C VAL A 73 3.12 -4.30 18.17
N LEU A 74 3.09 -3.08 17.65
CA LEU A 74 3.84 -2.76 16.44
C LEU A 74 5.31 -2.46 16.72
N VAL A 75 5.63 -1.94 17.90
CA VAL A 75 6.99 -1.49 18.16
C VAL A 75 7.62 -2.27 19.32
N LYS A 76 7.01 -2.18 20.50
CA LYS A 76 7.66 -2.67 21.72
C LYS A 76 7.84 -4.18 21.69
N GLU A 77 6.75 -4.93 21.51
CA GLU A 77 6.80 -6.39 21.50
C GLU A 77 6.78 -6.95 20.08
N CYS A 78 7.52 -6.33 19.17
CA CYS A 78 7.56 -6.78 17.78
C CYS A 78 8.45 -8.00 17.62
N TYR A 79 9.75 -7.85 17.93
CA TYR A 79 10.69 -8.95 17.71
C TYR A 79 10.39 -10.15 18.58
N SER A 80 9.74 -9.95 19.72
CA SER A 80 9.55 -11.03 20.67
C SER A 80 8.19 -11.71 20.52
N VAL A 81 7.14 -10.95 20.22
CA VAL A 81 5.79 -11.48 20.20
C VAL A 81 5.14 -11.27 18.84
N PHE A 82 4.84 -10.01 18.51
CA PHE A 82 4.09 -9.68 17.30
C PHE A 82 5.07 -9.39 16.18
N THR A 83 5.64 -10.47 15.64
CA THR A 83 6.68 -10.39 14.62
C THR A 83 6.15 -10.62 13.21
N ASN A 84 5.33 -11.65 13.02
CA ASN A 84 4.86 -12.05 11.71
C ASN A 84 3.42 -11.62 11.49
N ARG A 85 3.00 -11.63 10.23
CA ARG A 85 1.64 -11.33 9.85
C ARG A 85 0.84 -12.62 9.71
N ARG A 86 -0.45 -12.47 9.39
CA ARG A 86 -1.32 -13.62 9.24
C ARG A 86 -0.82 -14.52 8.10
N PRO A 87 -0.62 -15.80 8.34
CA PRO A 87 -0.14 -16.69 7.27
C PRO A 87 -1.20 -16.86 6.19
N PHE A 88 -0.74 -16.89 4.94
CA PHE A 88 -1.64 -17.07 3.80
C PHE A 88 -0.89 -17.82 2.71
N GLY A 89 -1.65 -18.58 1.93
CA GLY A 89 -1.07 -19.33 0.84
C GLY A 89 -2.08 -19.68 -0.22
N PRO A 90 -1.66 -20.46 -1.22
CA PRO A 90 -0.30 -21.00 -1.37
C PRO A 90 0.64 -20.01 -2.05
N VAL A 91 1.89 -19.93 -1.58
CA VAL A 91 2.80 -18.89 -2.06
C VAL A 91 3.87 -19.53 -2.95
N GLY A 92 4.18 -20.80 -2.66
CA GLY A 92 5.23 -21.49 -3.40
C GLY A 92 6.61 -20.97 -3.02
N PHE A 93 7.41 -20.65 -4.03
CA PHE A 93 8.75 -20.14 -3.78
C PHE A 93 8.74 -18.73 -3.21
N MET A 94 7.59 -18.07 -3.19
CA MET A 94 7.49 -16.70 -2.69
C MET A 94 7.45 -16.64 -1.17
N LYS A 95 7.71 -17.75 -0.48
CA LYS A 95 7.85 -17.70 0.97
C LYS A 95 9.04 -16.85 1.39
N SER A 96 10.01 -16.65 0.50
CA SER A 96 11.18 -15.83 0.78
C SER A 96 10.92 -14.35 0.60
N ALA A 97 9.70 -13.95 0.25
CA ALA A 97 9.38 -12.53 0.15
C ALA A 97 9.40 -11.89 1.53
N ILE A 98 9.93 -10.67 1.60
CA ILE A 98 10.12 -10.01 2.90
C ILE A 98 8.77 -9.78 3.58
N SER A 99 7.74 -9.44 2.81
CA SER A 99 6.41 -9.25 3.38
C SER A 99 5.77 -10.56 3.82
N ILE A 100 6.25 -11.69 3.30
CA ILE A 100 5.71 -13.00 3.66
C ILE A 100 6.63 -13.77 4.61
N ALA A 101 7.92 -13.45 4.64
CA ALA A 101 8.85 -14.17 5.49
C ALA A 101 8.53 -13.96 6.96
N GLU A 102 9.04 -14.86 7.80
CA GLU A 102 8.71 -14.87 9.21
C GLU A 102 9.98 -15.03 10.06
N ASP A 103 9.91 -14.48 11.27
CA ASP A 103 10.89 -14.72 12.34
C ASP A 103 12.27 -14.31 11.86
N GLU A 104 13.33 -15.11 12.08
CA GLU A 104 14.67 -14.72 11.69
C GLU A 104 14.84 -14.60 10.19
N GLU A 105 14.00 -15.27 9.40
CA GLU A 105 14.09 -15.14 7.95
C GLU A 105 13.70 -13.73 7.51
N TRP A 106 12.66 -13.16 8.12
CA TRP A 106 12.28 -11.79 7.78
C TRP A 106 13.32 -10.79 8.28
N LYS A 107 13.74 -10.94 9.55
CA LYS A 107 14.72 -10.03 10.11
C LYS A 107 16.02 -10.05 9.32
N ARG A 108 16.34 -11.18 8.69
CA ARG A 108 17.48 -11.24 7.79
C ARG A 108 17.22 -10.43 6.54
N LEU A 109 16.06 -10.63 5.90
CA LEU A 109 15.75 -9.92 4.66
C LEU A 109 15.51 -8.44 4.92
N ARG A 110 14.91 -8.10 6.06
CA ARG A 110 14.72 -6.69 6.40
C ARG A 110 16.05 -5.97 6.53
N SER A 111 17.08 -6.65 7.02
CA SER A 111 18.40 -6.04 7.15
C SER A 111 19.12 -5.97 5.82
N LEU A 112 18.98 -7.00 4.98
CA LEU A 112 19.65 -7.02 3.69
C LEU A 112 19.01 -6.06 2.70
N LEU A 113 17.79 -5.59 2.96
CA LEU A 113 17.09 -4.69 2.07
C LEU A 113 16.91 -3.29 2.66
N SER A 114 17.33 -3.07 3.92
CA SER A 114 17.17 -1.75 4.51
C SER A 114 18.06 -0.70 3.86
N PRO A 115 19.35 -0.94 3.60
CA PRO A 115 20.16 0.09 2.91
C PRO A 115 19.66 0.40 1.52
N THR A 116 18.85 -0.47 0.91
CA THR A 116 18.32 -0.22 -0.42
C THR A 116 17.33 0.95 -0.44
N PHE A 117 16.70 1.25 0.70
CA PHE A 117 15.66 2.28 0.78
C PHE A 117 16.12 3.50 1.56
N THR A 118 17.43 3.77 1.59
CA THR A 118 17.91 4.96 2.27
C THR A 118 17.61 6.21 1.44
N SER A 119 17.78 7.37 2.07
CA SER A 119 17.56 8.62 1.36
C SER A 119 18.61 8.86 0.29
N GLY A 120 19.82 8.31 0.47
CA GLY A 120 20.85 8.46 -0.55
C GLY A 120 20.53 7.68 -1.81
N LYS A 121 20.03 6.45 -1.66
CA LYS A 121 19.63 5.66 -2.82
C LYS A 121 18.40 6.25 -3.49
N LEU A 122 17.48 6.79 -2.69
CA LEU A 122 16.27 7.41 -3.26
C LEU A 122 16.61 8.67 -4.03
N LYS A 123 17.59 9.45 -3.56
CA LYS A 123 17.99 10.65 -4.28
C LYS A 123 18.63 10.32 -5.62
N GLU A 124 19.27 9.15 -5.73
CA GLU A 124 19.82 8.70 -7.00
C GLU A 124 18.74 8.20 -7.96
N MET A 125 17.57 7.81 -7.43
CA MET A 125 16.47 7.34 -8.27
C MET A 125 15.60 8.47 -8.80
N VAL A 126 15.72 9.68 -8.24
CA VAL A 126 14.85 10.78 -8.67
C VAL A 126 15.01 11.12 -10.15
N PRO A 127 16.21 11.21 -10.72
CA PRO A 127 16.31 11.48 -12.17
C PRO A 127 15.62 10.42 -13.02
N ILE A 128 15.58 9.17 -12.57
CA ILE A 128 14.90 8.13 -13.32
C ILE A 128 13.38 8.25 -13.16
N ILE A 129 12.92 8.51 -11.94
CA ILE A 129 11.49 8.66 -11.71
C ILE A 129 10.96 9.90 -12.42
N ALA A 130 11.75 10.98 -12.44
CA ALA A 130 11.32 12.21 -13.09
C ALA A 130 11.32 12.09 -14.61
N GLN A 131 12.04 11.11 -15.16
CA GLN A 131 12.06 10.93 -16.60
C GLN A 131 10.69 10.54 -17.14
N TYR A 132 10.01 9.61 -16.45
CA TYR A 132 8.69 9.18 -16.87
C TYR A 132 7.58 10.11 -16.42
N GLY A 133 7.87 11.04 -15.51
CA GLY A 133 6.93 12.10 -15.24
C GLY A 133 6.67 12.97 -16.46
N ASP A 134 7.70 13.16 -17.29
CA ASP A 134 7.50 13.85 -18.56
C ASP A 134 6.75 12.96 -19.55
N VAL A 135 6.99 11.65 -19.51
CA VAL A 135 6.23 10.73 -20.35
C VAL A 135 4.76 10.75 -19.95
N LEU A 136 4.48 10.84 -18.65
CA LEU A 136 3.10 10.94 -18.19
C LEU A 136 2.42 12.21 -18.68
N VAL A 137 3.19 13.30 -18.75
CA VAL A 137 2.63 14.57 -19.23
C VAL A 137 2.35 14.50 -20.73
N ARG A 138 3.26 13.88 -21.49
CA ARG A 138 3.05 13.76 -22.93
C ARG A 138 1.84 12.91 -23.25
N ASN A 139 1.64 11.82 -22.50
CA ASN A 139 0.45 10.99 -22.71
C ASN A 139 -0.81 11.71 -22.24
N LEU A 140 -0.71 12.52 -21.19
CA LEU A 140 -1.88 13.28 -20.73
C LEU A 140 -2.20 14.41 -21.71
N ARG A 141 -1.18 15.04 -22.29
CA ARG A 141 -1.42 16.11 -23.26
C ARG A 141 -2.11 15.59 -24.51
N ARG A 142 -1.75 14.37 -24.94
CA ARG A 142 -2.45 13.77 -26.07
C ARG A 142 -3.92 13.52 -25.74
N GLU A 143 -4.24 13.27 -24.47
CA GLU A 143 -5.61 13.14 -24.03
C GLU A 143 -6.22 14.47 -23.60
N ALA A 144 -5.41 15.49 -23.38
CA ALA A 144 -5.91 16.82 -23.01
C ALA A 144 -6.21 17.68 -24.24
N GLU A 145 -5.34 17.64 -25.25
CA GLU A 145 -5.60 18.39 -26.47
C GLU A 145 -6.82 17.86 -27.21
N THR A 146 -7.12 16.57 -27.07
CA THR A 146 -8.32 15.97 -27.64
C THR A 146 -9.23 15.94 -26.42
N GLY A 147 -10.33 16.70 -26.48
CA GLY A 147 -11.29 16.76 -25.40
C GLY A 147 -12.03 15.47 -25.14
N LYS A 148 -11.58 14.72 -24.14
CA LYS A 148 -12.16 13.43 -23.79
C LYS A 148 -11.79 13.10 -22.35
N PRO A 149 -12.76 12.71 -21.54
CA PRO A 149 -12.47 12.40 -20.13
C PRO A 149 -11.49 11.24 -20.00
N VAL A 150 -10.49 11.42 -19.14
CA VAL A 150 -9.40 10.48 -18.98
C VAL A 150 -9.69 9.58 -17.80
N THR A 151 -9.50 8.28 -17.98
CA THR A 151 -9.56 7.33 -16.87
C THR A 151 -8.25 7.35 -16.12
N LEU A 152 -8.28 7.74 -14.85
CA LEU A 152 -7.06 7.93 -14.08
C LEU A 152 -6.32 6.61 -13.87
N LYS A 153 -7.05 5.53 -13.63
CA LYS A 153 -6.41 4.25 -13.35
C LYS A 153 -5.65 3.70 -14.55
N ASP A 154 -5.95 4.17 -15.76
CA ASP A 154 -5.22 3.74 -16.94
C ASP A 154 -4.04 4.64 -17.25
N VAL A 155 -4.16 5.94 -16.99
CA VAL A 155 -3.05 6.84 -17.27
C VAL A 155 -2.06 6.87 -16.11
N PHE A 156 -2.53 6.67 -14.87
CA PHE A 156 -1.61 6.59 -13.74
C PHE A 156 -0.96 5.21 -13.64
N GLY A 157 -1.72 4.15 -13.96
CA GLY A 157 -1.12 2.83 -14.01
C GLY A 157 -0.03 2.70 -15.04
N ALA A 158 -0.16 3.43 -16.16
CA ALA A 158 0.91 3.44 -17.15
C ALA A 158 2.16 4.12 -16.61
N TYR A 159 1.98 5.18 -15.81
CA TYR A 159 3.12 5.85 -15.21
C TYR A 159 3.76 4.98 -14.13
N SER A 160 2.94 4.41 -13.25
CA SER A 160 3.48 3.65 -12.12
C SER A 160 4.26 2.43 -12.59
N MET A 161 3.86 1.86 -13.72
CA MET A 161 4.52 0.72 -14.30
C MET A 161 5.84 1.18 -14.90
N ASP A 162 5.82 2.37 -15.51
CA ASP A 162 7.03 2.93 -16.10
C ASP A 162 8.10 3.18 -15.05
N VAL A 163 7.72 3.53 -13.89
CA VAL A 163 8.68 3.79 -12.83
C VAL A 163 9.31 2.49 -12.34
N ILE A 164 8.50 1.44 -12.26
CA ILE A 164 8.99 0.16 -11.75
C ILE A 164 9.99 -0.46 -12.71
N THR A 165 9.62 -0.55 -13.99
CA THR A 165 10.47 -1.21 -14.97
C THR A 165 11.85 -0.59 -15.07
N SER A 166 12.01 0.66 -14.64
CA SER A 166 13.29 1.35 -14.69
C SER A 166 13.98 1.39 -13.33
N THR A 167 13.25 1.74 -12.27
CA THR A 167 13.85 1.85 -10.95
C THR A 167 14.17 0.52 -10.32
N SER A 168 13.68 -0.59 -10.88
CA SER A 168 13.93 -1.91 -10.32
C SER A 168 14.60 -2.87 -11.29
N PHE A 169 14.69 -2.54 -12.58
CA PHE A 169 15.33 -3.43 -13.55
C PHE A 169 16.05 -2.64 -14.63
N GLY A 170 15.78 -1.33 -14.70
CA GLY A 170 16.39 -0.50 -15.72
C GLY A 170 15.76 -0.60 -17.10
N VAL A 171 14.68 -1.37 -17.24
CA VAL A 171 14.02 -1.51 -18.54
C VAL A 171 13.17 -0.27 -18.80
N ASN A 172 13.48 0.44 -19.88
CA ASN A 172 12.81 1.69 -20.22
C ASN A 172 11.71 1.39 -21.23
N ILE A 173 10.45 1.44 -20.78
CA ILE A 173 9.30 1.16 -21.62
C ILE A 173 8.26 2.25 -21.41
N ASP A 174 7.61 2.67 -22.50
CA ASP A 174 6.39 3.47 -22.41
C ASP A 174 5.24 2.48 -22.44
N SER A 175 4.77 2.08 -21.26
CA SER A 175 3.74 1.04 -21.17
CA SER A 175 3.75 1.04 -21.17
C SER A 175 2.49 1.41 -21.95
N LEU A 176 2.13 2.70 -21.99
CA LEU A 176 0.95 3.11 -22.73
C LEU A 176 1.17 3.06 -24.24
N ASN A 177 2.42 3.16 -24.70
CA ASN A 177 2.74 3.16 -26.11
C ASN A 177 3.54 1.95 -26.54
N ASN A 178 3.97 1.09 -25.62
CA ASN A 178 4.72 -0.13 -25.94
C ASN A 178 4.18 -1.27 -25.11
N PRO A 179 2.99 -1.79 -25.45
CA PRO A 179 2.43 -2.89 -24.67
C PRO A 179 2.99 -4.26 -25.03
N GLN A 180 3.55 -4.42 -26.22
CA GLN A 180 4.03 -5.73 -26.67
C GLN A 180 5.42 -6.08 -26.18
N ASP A 181 6.05 -5.21 -25.39
CA ASP A 181 7.34 -5.55 -24.80
C ASP A 181 7.16 -6.71 -23.82
N PRO A 182 8.05 -7.70 -23.84
CA PRO A 182 7.86 -8.87 -22.96
C PRO A 182 7.73 -8.52 -21.49
N PHE A 183 8.30 -7.40 -21.04
CA PHE A 183 8.21 -7.03 -19.64
C PHE A 183 6.82 -6.49 -19.30
N VAL A 184 6.32 -5.55 -20.11
CA VAL A 184 5.02 -4.95 -19.83
C VAL A 184 3.90 -5.98 -20.00
N GLU A 185 4.00 -6.83 -21.03
CA GLU A 185 2.96 -7.82 -21.26
C GLU A 185 2.87 -8.83 -20.12
N ASN A 186 4.00 -9.14 -19.48
CA ASN A 186 4.00 -10.08 -18.36
C ASN A 186 3.73 -9.41 -17.02
N THR A 187 4.19 -8.17 -16.82
CA THR A 187 3.92 -7.47 -15.57
C THR A 187 2.47 -6.99 -15.47
N LYS A 188 1.66 -7.19 -16.50
CA LYS A 188 0.22 -6.92 -16.43
C LYS A 188 -0.59 -8.19 -16.27
N LYS A 189 0.06 -9.28 -15.84
CA LYS A 189 -0.60 -10.57 -15.67
C LYS A 189 -0.84 -11.06 -14.24
N LEU A 190 -0.26 -10.46 -13.18
CA LEU A 190 0.64 -9.30 -13.13
C LEU A 190 1.72 -9.50 -12.07
N PRO A 198 -13.11 -14.76 -5.26
CA PRO A 198 -13.73 -16.05 -4.91
C PRO A 198 -12.72 -17.08 -4.44
N PHE A 199 -11.46 -16.92 -4.85
CA PHE A 199 -10.41 -17.83 -4.40
C PHE A 199 -9.97 -17.54 -2.98
N PHE A 200 -9.92 -16.25 -2.61
CA PHE A 200 -9.34 -15.85 -1.34
C PHE A 200 -10.33 -15.91 -0.19
N LEU A 201 -11.61 -15.63 -0.44
CA LEU A 201 -12.62 -15.84 0.59
C LEU A 201 -12.80 -17.33 0.88
N SER A 202 -12.49 -18.19 -0.10
CA SER A 202 -12.49 -19.63 0.17
C SER A 202 -11.33 -20.02 1.06
N ILE A 203 -10.15 -19.45 0.81
CA ILE A 203 -8.99 -19.73 1.66
C ILE A 203 -9.24 -19.25 3.08
N THR A 204 -9.98 -18.15 3.24
CA THR A 204 -10.31 -17.65 4.57
C THR A 204 -11.16 -18.66 5.34
N VAL A 205 -12.11 -19.32 4.67
CA VAL A 205 -12.93 -20.33 5.32
C VAL A 205 -12.33 -21.72 5.20
N PHE A 206 -11.43 -21.95 4.24
CA PHE A 206 -10.74 -23.23 4.08
C PHE A 206 -9.24 -23.02 4.22
N PRO A 207 -8.76 -22.82 5.45
CA PRO A 207 -7.30 -22.67 5.64
C PRO A 207 -6.57 -24.00 5.72
N PHE A 208 -7.30 -25.11 5.85
CA PHE A 208 -6.70 -26.44 5.84
C PHE A 208 -6.46 -26.98 4.44
N LEU A 209 -6.76 -26.20 3.40
CA LEU A 209 -6.48 -26.56 2.03
C LEU A 209 -5.24 -25.87 1.48
N ILE A 210 -4.61 -24.99 2.27
CA ILE A 210 -3.35 -24.38 1.86
C ILE A 210 -2.24 -25.42 1.70
N PRO A 211 -2.01 -26.34 2.64
CA PRO A 211 -0.97 -27.35 2.41
C PRO A 211 -1.25 -28.26 1.22
N ILE A 212 -2.51 -28.45 0.86
CA ILE A 212 -2.83 -29.25 -0.32
C ILE A 212 -2.37 -28.56 -1.59
N LEU A 213 -2.61 -27.25 -1.68
CA LEU A 213 -2.20 -26.52 -2.88
C LEU A 213 -0.69 -26.35 -2.95
N GLU A 214 0.00 -26.39 -1.79
CA GLU A 214 1.45 -26.27 -1.81
C GLU A 214 2.11 -27.54 -2.33
N VAL A 215 1.63 -28.71 -1.89
CA VAL A 215 2.16 -29.95 -2.42
C VAL A 215 1.72 -30.18 -3.86
N LEU A 216 0.60 -29.57 -4.27
CA LEU A 216 0.17 -29.62 -5.66
C LEU A 216 0.87 -28.57 -6.52
N ASN A 217 1.76 -27.77 -5.94
CA ASN A 217 2.55 -26.76 -6.64
C ASN A 217 1.66 -25.70 -7.29
N ILE A 218 0.52 -25.43 -6.67
CA ILE A 218 -0.30 -24.28 -7.04
C ILE A 218 0.16 -23.09 -6.21
N CYS A 219 0.25 -21.92 -6.86
CA CYS A 219 0.68 -20.70 -6.18
C CYS A 219 -0.26 -19.57 -6.54
N VAL A 220 -0.43 -18.64 -5.60
CA VAL A 220 -1.27 -17.47 -5.84
C VAL A 220 -0.75 -16.65 -7.02
N PHE A 221 0.52 -16.80 -7.37
CA PHE A 221 0.99 -16.17 -8.59
C PHE A 221 1.07 -17.22 -9.69
N PRO A 222 0.62 -16.91 -10.90
CA PRO A 222 0.74 -17.87 -11.99
C PRO A 222 2.21 -18.14 -12.31
N ARG A 223 2.53 -19.42 -12.54
CA ARG A 223 3.89 -19.78 -12.89
C ARG A 223 4.32 -19.17 -14.22
N GLU A 224 3.36 -18.67 -15.01
CA GLU A 224 3.69 -18.00 -16.26
C GLU A 224 4.56 -16.77 -16.02
N VAL A 225 4.12 -15.89 -15.11
CA VAL A 225 4.85 -14.66 -14.86
C VAL A 225 6.11 -14.94 -14.07
N THR A 226 6.01 -15.77 -13.03
CA THR A 226 7.17 -16.02 -12.16
C THR A 226 8.31 -16.66 -12.93
N ASN A 227 8.02 -17.68 -13.74
CA ASN A 227 9.06 -18.31 -14.55
C ASN A 227 9.64 -17.31 -15.55
N PHE A 228 8.80 -16.43 -16.09
CA PHE A 228 9.31 -15.38 -16.97
C PHE A 228 10.22 -14.42 -16.21
N LEU A 229 9.76 -13.93 -15.05
CA LEU A 229 10.56 -13.01 -14.27
C LEU A 229 11.82 -13.69 -13.74
N ARG A 230 11.71 -14.96 -13.35
CA ARG A 230 12.90 -15.69 -12.91
C ARG A 230 13.89 -15.87 -14.04
N LYS A 231 13.40 -16.10 -15.27
CA LYS A 231 14.31 -16.23 -16.40
C LYS A 231 14.67 -14.89 -17.02
N SER A 232 13.90 -13.84 -16.76
CA SER A 232 14.28 -12.51 -17.22
C SER A 232 15.32 -11.87 -16.32
N VAL A 233 15.24 -12.13 -15.01
CA VAL A 233 16.24 -11.59 -14.09
C VAL A 233 17.61 -12.20 -14.36
N LYS A 234 17.66 -13.52 -14.57
CA LYS A 234 18.94 -14.17 -14.85
C LYS A 234 19.54 -13.71 -16.18
N ARG A 235 18.70 -13.24 -17.11
CA ARG A 235 19.25 -12.60 -18.31
C ARG A 235 19.84 -11.24 -17.97
N MET A 236 19.22 -10.51 -17.05
CA MET A 236 19.73 -9.20 -16.66
C MET A 236 20.93 -9.32 -15.72
N LYS A 237 20.89 -10.30 -14.81
CA LYS A 237 22.02 -10.47 -13.88
C LYS A 237 23.28 -10.86 -14.61
N GLU A 238 23.19 -11.85 -15.50
CA GLU A 238 24.36 -12.35 -16.21
C GLU A 238 24.81 -11.42 -17.33
N SER A 239 23.99 -10.43 -17.71
CA SER A 239 24.40 -9.42 -18.68
C SER A 239 25.15 -8.27 -18.01
N ARG A 240 24.72 -7.86 -16.82
CA ARG A 240 25.45 -6.86 -16.06
C ARG A 240 26.69 -7.44 -15.37
N ARG A 248 22.54 -0.09 -13.24
CA ARG A 248 22.84 0.46 -11.93
C ARG A 248 21.78 1.47 -11.49
N VAL A 249 21.78 1.79 -10.20
CA VAL A 249 20.82 2.74 -9.66
C VAL A 249 19.44 2.10 -9.49
N ASP A 250 19.27 0.90 -10.04
CA ASP A 250 18.01 0.18 -9.95
C ASP A 250 18.02 -0.80 -8.78
N PHE A 251 16.84 -1.11 -8.28
CA PHE A 251 16.69 -2.05 -7.16
C PHE A 251 17.41 -3.36 -7.42
N LEU A 252 17.45 -3.80 -8.68
CA LEU A 252 18.11 -5.06 -9.01
C LEU A 252 19.61 -4.99 -8.72
N GLN A 253 20.27 -3.93 -9.18
CA GLN A 253 21.70 -3.80 -8.96
C GLN A 253 22.03 -3.58 -7.49
N LEU A 254 21.16 -2.85 -6.76
CA LEU A 254 21.39 -2.65 -5.34
C LEU A 254 21.28 -3.96 -4.56
N MET A 255 20.53 -4.93 -5.08
CA MET A 255 20.46 -6.25 -4.47
C MET A 255 21.55 -7.19 -4.95
N ILE A 256 22.06 -6.97 -6.17
CA ILE A 256 23.21 -7.75 -6.63
C ILE A 256 24.47 -7.34 -5.89
N ASP A 257 24.61 -6.05 -5.59
CA ASP A 257 25.76 -5.58 -4.82
C ASP A 257 25.68 -6.03 -3.37
N SER A 258 24.48 -6.28 -2.85
CA SER A 258 24.33 -6.68 -1.46
C SER A 258 24.80 -8.12 -1.25
N GLN A 259 24.50 -9.01 -2.21
CA GLN A 259 24.90 -10.41 -2.11
C GLN A 259 26.37 -10.61 -2.45
N ASN A 260 27.10 -9.56 -2.79
CA ASN A 260 28.53 -9.67 -3.07
C ASN A 260 29.36 -9.40 -1.82
N SER A 266 20.86 -10.30 9.25
CA SER A 266 21.67 -11.52 9.23
C SER A 266 22.58 -11.55 8.01
N HIS A 267 23.71 -12.25 8.13
CA HIS A 267 24.80 -12.08 7.18
C HIS A 267 24.56 -12.84 5.88
N LYS A 268 24.30 -14.14 5.97
CA LYS A 268 24.25 -15.05 4.82
C LYS A 268 23.53 -14.41 3.63
N ALA A 269 24.30 -14.16 2.56
CA ALA A 269 23.91 -13.21 1.52
C ALA A 269 22.62 -13.61 0.82
N LEU A 270 22.06 -12.65 0.10
CA LEU A 270 20.82 -12.87 -0.64
C LEU A 270 20.99 -13.99 -1.65
N SER A 271 20.15 -15.01 -1.53
CA SER A 271 20.18 -16.11 -2.48
C SER A 271 19.66 -15.64 -3.84
N ASP A 272 19.94 -16.46 -4.86
CA ASP A 272 19.46 -16.14 -6.20
C ASP A 272 17.94 -16.21 -6.28
N LEU A 273 17.34 -17.24 -5.67
CA LEU A 273 15.88 -17.35 -5.67
C LEU A 273 15.26 -16.30 -4.78
N GLU A 274 15.90 -15.98 -3.65
CA GLU A 274 15.38 -14.95 -2.76
C GLU A 274 15.39 -13.58 -3.45
N LEU A 275 16.41 -13.33 -4.27
CA LEU A 275 16.52 -12.03 -4.93
C LEU A 275 15.39 -11.80 -5.92
N VAL A 276 14.94 -12.87 -6.59
CA VAL A 276 13.84 -12.73 -7.53
C VAL A 276 12.51 -12.59 -6.78
N ALA A 277 12.40 -13.21 -5.61
CA ALA A 277 11.15 -13.13 -4.86
C ALA A 277 10.89 -11.71 -4.36
N GLN A 278 11.95 -11.01 -3.96
CA GLN A 278 11.78 -9.62 -3.51
C GLN A 278 11.43 -8.70 -4.67
N SER A 279 11.92 -9.01 -5.87
CA SER A 279 11.62 -8.17 -7.03
C SER A 279 10.13 -8.19 -7.36
N ILE A 280 9.49 -9.36 -7.24
CA ILE A 280 8.07 -9.47 -7.56
C ILE A 280 7.23 -8.68 -6.57
N ILE A 281 7.61 -8.72 -5.29
CA ILE A 281 6.89 -7.95 -4.28
C ILE A 281 6.97 -6.45 -4.58
N PHE A 282 8.12 -5.99 -5.06
CA PHE A 282 8.28 -4.57 -5.39
C PHE A 282 7.44 -4.17 -6.60
N ILE A 283 7.15 -5.13 -7.49
CA ILE A 283 6.32 -4.83 -8.65
C ILE A 283 4.86 -4.71 -8.24
N PHE A 284 4.40 -5.53 -7.28
CA PHE A 284 3.02 -5.47 -6.84
C PHE A 284 2.70 -4.14 -6.18
N ALA A 285 3.45 -3.79 -5.12
CA ALA A 285 3.18 -2.57 -4.37
C ALA A 285 3.36 -1.34 -5.24
N GLY A 286 4.52 -1.21 -5.88
CA GLY A 286 4.85 0.03 -6.58
C GLY A 286 3.87 0.37 -7.69
N TYR A 287 3.42 -0.64 -8.44
CA TYR A 287 2.54 -0.42 -9.58
C TYR A 287 1.10 -0.12 -9.13
N GLU A 288 0.59 -0.83 -8.13
CA GLU A 288 -0.82 -0.76 -7.78
C GLU A 288 -1.12 0.21 -6.64
N THR A 289 -0.21 0.36 -5.68
CA THR A 289 -0.44 1.36 -4.64
C THR A 289 -0.26 2.76 -5.19
N THR A 290 0.84 3.01 -5.91
CA THR A 290 1.13 4.36 -6.39
C THR A 290 0.06 4.85 -7.34
N SER A 291 -0.40 4.00 -8.26
CA SER A 291 -1.40 4.44 -9.22
C SER A 291 -2.78 4.61 -8.59
N SER A 292 -3.09 3.83 -7.56
CA SER A 292 -4.40 3.93 -6.93
C SER A 292 -4.49 5.15 -6.02
N VAL A 293 -3.41 5.49 -5.31
CA VAL A 293 -3.42 6.67 -4.46
C VAL A 293 -3.46 7.93 -5.31
N LEU A 294 -2.76 7.94 -6.45
CA LEU A 294 -2.80 9.09 -7.33
C LEU A 294 -4.21 9.35 -7.85
N SER A 295 -4.96 8.29 -8.15
CA SER A 295 -6.35 8.46 -8.56
C SER A 295 -7.20 9.00 -7.42
N PHE A 296 -6.90 8.60 -6.18
CA PHE A 296 -7.61 9.16 -5.04
C PHE A 296 -7.26 10.63 -4.82
N ILE A 297 -5.98 10.99 -4.99
CA ILE A 297 -5.56 12.38 -4.78
C ILE A 297 -6.21 13.28 -5.81
N MET A 298 -6.18 12.87 -7.08
CA MET A 298 -6.72 13.72 -8.14
C MET A 298 -8.23 13.84 -8.04
N TYR A 299 -8.91 12.84 -7.48
CA TYR A 299 -10.34 12.97 -7.22
C TYR A 299 -10.60 14.03 -6.15
N GLU A 300 -9.76 14.05 -5.11
CA GLU A 300 -9.90 15.06 -4.06
C GLU A 300 -9.54 16.45 -4.59
N LEU A 301 -8.52 16.53 -5.46
CA LEU A 301 -8.13 17.81 -6.03
C LEU A 301 -9.17 18.32 -7.02
N ALA A 302 -9.84 17.42 -7.74
CA ALA A 302 -10.85 17.86 -8.70
C ALA A 302 -12.13 18.31 -8.00
N THR A 303 -12.54 17.58 -6.97
CA THR A 303 -13.74 17.95 -6.20
C THR A 303 -13.47 19.11 -5.24
N HIS A 304 -12.22 19.56 -5.12
CA HIS A 304 -11.87 20.71 -4.28
C HIS A 304 -10.93 21.59 -5.10
N PRO A 305 -11.46 22.46 -5.96
CA PRO A 305 -10.59 23.31 -6.78
C PRO A 305 -9.72 24.25 -5.98
N ASP A 306 -10.15 24.61 -4.75
CA ASP A 306 -9.32 25.47 -3.91
C ASP A 306 -8.05 24.78 -3.48
N VAL A 307 -8.13 23.48 -3.15
CA VAL A 307 -6.94 22.74 -2.75
C VAL A 307 -6.01 22.55 -3.95
N GLN A 308 -6.58 22.38 -5.14
CA GLN A 308 -5.75 22.19 -6.33
C GLN A 308 -5.06 23.48 -6.74
N GLN A 309 -5.76 24.61 -6.61
CA GLN A 309 -5.15 25.89 -6.98
C GLN A 309 -4.03 26.27 -6.02
N LYS A 310 -4.29 26.14 -4.72
CA LYS A 310 -3.25 26.46 -3.72
C LYS A 310 -2.03 25.56 -3.89
N LEU A 311 -2.26 24.30 -4.28
CA LEU A 311 -1.12 23.41 -4.53
C LEU A 311 -0.37 23.82 -5.80
N GLN A 312 -1.11 24.21 -6.84
CA GLN A 312 -0.47 24.67 -8.07
C GLN A 312 0.30 25.97 -7.85
N GLU A 313 -0.13 26.78 -6.88
CA GLU A 313 0.59 28.01 -6.58
C GLU A 313 1.89 27.71 -5.83
N GLU A 314 1.88 26.71 -4.96
CA GLU A 314 3.10 26.32 -4.25
C GLU A 314 4.10 25.68 -5.18
N ILE A 315 3.62 24.86 -6.13
CA ILE A 315 4.52 24.22 -7.09
C ILE A 315 5.17 25.27 -7.99
N ASP A 316 4.40 26.27 -8.43
CA ASP A 316 4.97 27.32 -9.27
C ASP A 316 5.91 28.23 -8.48
N ALA A 317 5.66 28.40 -7.18
CA ALA A 317 6.54 29.24 -6.38
C ALA A 317 7.88 28.55 -6.14
N VAL A 318 7.86 27.24 -5.86
CA VAL A 318 9.11 26.51 -5.67
C VAL A 318 9.78 26.24 -7.01
N LEU A 319 9.01 25.87 -8.02
CA LEU A 319 9.52 25.52 -9.35
C LEU A 319 8.92 26.49 -10.38
N PRO A 320 9.54 27.65 -10.57
CA PRO A 320 9.03 28.59 -11.58
C PRO A 320 9.39 28.15 -12.99
N ASN A 321 8.58 28.63 -13.94
CA ASN A 321 8.77 28.34 -15.37
C ASN A 321 8.73 26.84 -15.63
N LYS A 322 7.90 26.11 -14.88
CA LYS A 322 7.77 24.65 -15.00
C LYS A 322 9.13 23.97 -14.84
N ALA A 323 9.85 24.36 -13.79
CA ALA A 323 11.16 23.78 -13.55
C ALA A 323 11.02 22.31 -13.13
N PRO A 324 11.96 21.46 -13.53
CA PRO A 324 11.87 20.04 -13.15
C PRO A 324 12.03 19.86 -11.66
N PRO A 325 11.21 19.00 -11.04
CA PRO A 325 11.35 18.78 -9.60
C PRO A 325 12.55 17.91 -9.28
N THR A 326 13.23 18.25 -8.19
CA THR A 326 14.38 17.51 -7.70
C THR A 326 14.05 16.90 -6.34
N TYR A 327 15.00 16.14 -5.80
CA TYR A 327 14.80 15.50 -4.50
C TYR A 327 14.61 16.55 -3.40
N ASP A 328 15.37 17.64 -3.45
CA ASP A 328 15.27 18.65 -2.42
C ASP A 328 14.03 19.52 -2.59
N THR A 329 13.66 19.83 -3.84
CA THR A 329 12.52 20.70 -4.07
C THR A 329 11.20 20.01 -3.74
N VAL A 330 11.16 18.68 -3.81
CA VAL A 330 9.95 17.94 -3.44
C VAL A 330 9.73 18.01 -1.94
N LEU A 331 10.80 17.78 -1.15
CA LEU A 331 10.70 17.85 0.30
C LEU A 331 10.46 19.26 0.80
N GLN A 332 10.66 20.29 -0.03
CA GLN A 332 10.43 21.67 0.36
C GLN A 332 8.95 22.04 0.34
N MET A 333 8.14 21.32 -0.43
CA MET A 333 6.72 21.65 -0.58
C MET A 333 5.94 21.08 0.60
N GLU A 334 5.43 21.95 1.46
CA GLU A 334 4.69 21.50 2.63
C GLU A 334 3.24 21.18 2.31
N TYR A 335 2.58 22.05 1.53
CA TYR A 335 1.18 21.83 1.20
C TYR A 335 1.00 20.58 0.34
N LEU A 336 1.99 20.25 -0.49
CA LEU A 336 1.93 19.00 -1.24
C LEU A 336 1.97 17.81 -0.29
N ASP A 337 2.81 17.88 0.75
CA ASP A 337 2.83 16.81 1.75
C ASP A 337 1.54 16.76 2.54
N MET A 338 0.90 17.90 2.76
CA MET A 338 -0.38 17.93 3.47
C MET A 338 -1.47 17.27 2.65
N VAL A 339 -1.48 17.49 1.34
CA VAL A 339 -2.49 16.88 0.48
C VAL A 339 -2.30 15.36 0.43
N VAL A 340 -1.04 14.91 0.34
CA VAL A 340 -0.78 13.47 0.27
C VAL A 340 -1.15 12.80 1.58
N ASN A 341 -0.79 13.42 2.71
CA ASN A 341 -1.08 12.80 4.00
C ASN A 341 -2.58 12.76 4.28
N GLU A 342 -3.31 13.79 3.85
CA GLU A 342 -4.75 13.79 4.09
C GLU A 342 -5.47 12.75 3.23
N THR A 343 -5.01 12.55 2.00
CA THR A 343 -5.62 11.53 1.15
C THR A 343 -5.38 10.14 1.71
N LEU A 344 -4.18 9.88 2.22
CA LEU A 344 -3.88 8.60 2.84
C LEU A 344 -4.68 8.38 4.12
N ARG A 345 -5.16 9.45 4.75
CA ARG A 345 -6.06 9.30 5.89
C ARG A 345 -7.42 8.80 5.44
N LEU A 346 -7.99 9.44 4.41
CA LEU A 346 -9.30 9.00 3.91
C LEU A 346 -9.22 7.63 3.25
N PHE A 347 -8.09 7.31 2.62
CA PHE A 347 -7.92 6.05 1.88
C PHE A 347 -6.61 5.38 2.27
N PRO A 348 -6.56 4.77 3.46
CA PRO A 348 -5.40 3.90 3.77
C PRO A 348 -5.53 2.57 3.04
N ILE A 349 -4.77 2.42 1.95
CA ILE A 349 -4.99 1.31 1.03
C ILE A 349 -4.76 -0.05 1.71
N ALA A 350 -3.92 -0.08 2.74
CA ALA A 350 -3.74 -1.34 3.46
C ALA A 350 -4.96 -1.68 4.31
N MET A 351 -5.71 -0.65 4.73
CA MET A 351 -6.97 -0.80 5.46
C MET A 351 -6.72 -1.36 6.86
N ARG A 352 -5.96 -2.45 6.96
CA ARG A 352 -5.73 -3.11 8.24
C ARG A 352 -4.25 -3.41 8.45
N LEU A 353 -3.83 -3.38 9.71
CA LEU A 353 -2.52 -3.84 10.14
C LEU A 353 -2.72 -5.10 10.99
N GLU A 354 -1.92 -6.13 10.73
CA GLU A 354 -2.12 -7.41 11.40
C GLU A 354 -0.79 -7.97 11.87
N ARG A 355 -0.80 -8.53 13.07
CA ARG A 355 0.35 -9.24 13.64
C ARG A 355 -0.15 -10.50 14.33
N VAL A 356 0.58 -11.60 14.16
CA VAL A 356 0.22 -12.87 14.77
C VAL A 356 0.86 -12.96 16.15
N CYS A 357 0.03 -13.23 17.16
CA CYS A 357 0.52 -13.40 18.53
C CYS A 357 1.13 -14.79 18.67
N LYS A 358 2.43 -14.84 18.96
CA LYS A 358 3.15 -16.11 19.00
C LYS A 358 3.32 -16.68 20.41
N LYS A 359 3.09 -15.88 21.45
CA LYS A 359 3.26 -16.34 22.83
C LYS A 359 2.09 -15.82 23.67
N ASP A 360 1.82 -16.53 24.76
CA ASP A 360 0.81 -16.10 25.72
C ASP A 360 1.34 -14.89 26.47
N VAL A 361 0.98 -13.70 26.01
CA VAL A 361 1.50 -12.45 26.54
C VAL A 361 0.35 -11.59 27.04
N GLU A 362 0.63 -10.80 28.08
CA GLU A 362 -0.33 -9.86 28.65
C GLU A 362 0.24 -8.45 28.49
N ILE A 363 -0.36 -7.67 27.59
CA ILE A 363 0.10 -6.32 27.28
C ILE A 363 -0.99 -5.33 27.65
N ASN A 364 -0.59 -4.25 28.34
CA ASN A 364 -1.49 -3.18 28.74
C ASN A 364 -2.69 -3.72 29.53
N GLY A 365 -2.42 -4.69 30.40
CA GLY A 365 -3.46 -5.26 31.22
C GLY A 365 -4.49 -6.08 30.47
N MET A 366 -4.09 -6.71 29.37
CA MET A 366 -5.01 -7.53 28.58
C MET A 366 -4.27 -8.77 28.11
N PHE A 367 -4.81 -9.93 28.44
CA PHE A 367 -4.18 -11.20 28.06
C PHE A 367 -4.54 -11.54 26.62
N ILE A 368 -3.53 -11.94 25.84
CA ILE A 368 -3.73 -12.33 24.45
C ILE A 368 -3.16 -13.74 24.26
N PRO A 369 -3.99 -14.73 23.97
CA PRO A 369 -3.49 -16.11 23.84
C PRO A 369 -2.64 -16.28 22.59
N LYS A 370 -1.91 -17.40 22.56
CA LYS A 370 -1.08 -17.73 21.42
C LYS A 370 -1.93 -18.09 20.22
N GLY A 371 -1.51 -17.64 19.04
CA GLY A 371 -2.22 -17.92 17.80
C GLY A 371 -3.25 -16.89 17.41
N VAL A 372 -3.60 -15.96 18.31
CA VAL A 372 -4.60 -14.94 17.99
C VAL A 372 -4.00 -13.91 17.06
N VAL A 373 -4.76 -13.52 16.05
CA VAL A 373 -4.34 -12.49 15.10
C VAL A 373 -4.75 -11.14 15.67
N VAL A 374 -3.76 -10.33 16.04
CA VAL A 374 -4.02 -8.97 16.49
C VAL A 374 -4.15 -8.06 15.27
N MET A 375 -5.23 -7.30 15.22
CA MET A 375 -5.54 -6.47 14.07
CA MET A 375 -5.56 -6.48 14.07
C MET A 375 -5.73 -5.02 14.49
N ILE A 376 -5.25 -4.11 13.65
CA ILE A 376 -5.41 -2.67 13.87
C ILE A 376 -6.24 -2.12 12.71
N PRO A 377 -7.50 -1.73 12.94
CA PRO A 377 -8.32 -1.21 11.85
C PRO A 377 -7.92 0.20 11.44
N SER A 378 -6.97 0.31 10.50
CA SER A 378 -6.46 1.62 10.11
C SER A 378 -7.55 2.48 9.47
N TYR A 379 -8.40 1.88 8.64
CA TYR A 379 -9.47 2.63 8.00
C TYR A 379 -10.43 3.20 9.04
N ALA A 380 -10.83 2.37 10.01
CA ALA A 380 -11.78 2.82 11.03
C ALA A 380 -11.16 3.88 11.94
N LEU A 381 -9.88 3.72 12.27
CA LEU A 381 -9.21 4.70 13.12
C LEU A 381 -9.00 6.02 12.39
N HIS A 382 -8.74 5.98 11.09
CA HIS A 382 -8.55 7.21 10.33
C HIS A 382 -9.83 8.02 10.18
N ARG A 383 -11.00 7.37 10.29
CA ARG A 383 -12.28 8.06 10.20
C ARG A 383 -13.02 8.08 11.53
N ASP A 384 -12.30 7.90 12.64
CA ASP A 384 -12.92 7.92 13.95
C ASP A 384 -13.20 9.38 14.34
N PRO A 385 -14.47 9.74 14.58
CA PRO A 385 -14.76 11.14 14.96
C PRO A 385 -14.14 11.56 16.29
N LYS A 386 -13.79 10.60 17.16
CA LYS A 386 -13.20 10.96 18.45
C LYS A 386 -11.77 11.46 18.31
N TYR A 387 -11.09 11.14 17.20
CA TYR A 387 -9.75 11.63 16.95
C TYR A 387 -9.67 12.67 15.85
N TRP A 388 -10.67 12.73 14.97
CA TRP A 388 -10.67 13.65 13.84
C TRP A 388 -11.98 14.42 13.81
N THR A 389 -11.88 15.74 13.69
CA THR A 389 -13.06 16.58 13.55
C THR A 389 -13.54 16.53 12.09
N GLU A 390 -14.80 16.11 11.90
CA GLU A 390 -15.38 15.89 10.58
C GLU A 390 -14.49 14.94 9.78
N PRO A 391 -14.45 13.65 10.14
CA PRO A 391 -13.48 12.74 9.51
C PRO A 391 -13.80 12.42 8.05
N GLU A 392 -15.02 12.65 7.60
CA GLU A 392 -15.39 12.34 6.23
C GLU A 392 -15.00 13.45 5.24
N LYS A 393 -14.62 14.61 5.73
CA LYS A 393 -14.27 15.74 4.86
C LYS A 393 -12.81 15.70 4.48
N PHE A 394 -12.50 16.25 3.31
CA PHE A 394 -11.14 16.34 2.81
C PHE A 394 -10.57 17.69 3.25
N LEU A 395 -9.89 17.69 4.39
CA LEU A 395 -9.33 18.91 4.96
C LEU A 395 -7.82 18.76 5.11
N PRO A 396 -7.03 19.23 4.15
CA PRO A 396 -5.56 19.08 4.25
C PRO A 396 -4.95 19.85 5.40
N GLU A 397 -5.67 20.80 6.02
CA GLU A 397 -5.12 21.59 7.11
C GLU A 397 -4.88 20.78 8.38
N ARG A 398 -5.34 19.54 8.44
CA ARG A 398 -5.06 18.70 9.60
C ARG A 398 -3.57 18.44 9.74
N PHE A 399 -2.87 18.29 8.61
CA PHE A 399 -1.45 17.94 8.60
C PHE A 399 -0.56 19.16 8.40
N SER A 400 -1.07 20.36 8.65
CA SER A 400 -0.23 21.54 8.61
C SER A 400 0.79 21.49 9.74
N LYS A 401 1.89 22.23 9.55
CA LYS A 401 2.94 22.26 10.56
C LYS A 401 2.44 22.80 11.90
N LYS A 402 1.33 23.53 11.90
CA LYS A 402 0.76 24.02 13.14
C LYS A 402 -0.14 22.99 13.82
N ASN A 403 -0.66 22.02 13.08
CA ASN A 403 -1.58 21.03 13.62
C ASN A 403 -1.07 19.59 13.53
N LYS A 404 0.04 19.34 12.84
CA LYS A 404 0.54 17.98 12.71
C LYS A 404 1.02 17.39 14.04
N ASP A 405 1.23 18.23 15.05
CA ASP A 405 1.74 17.72 16.31
C ASP A 405 0.66 17.00 17.12
N ASN A 406 -0.60 17.43 16.98
CA ASN A 406 -1.69 16.85 17.75
C ASN A 406 -2.22 15.55 17.14
N ILE A 407 -1.49 14.94 16.22
CA ILE A 407 -1.90 13.70 15.57
C ILE A 407 -1.08 12.55 16.16
N ASP A 408 -1.78 11.53 16.67
CA ASP A 408 -1.10 10.39 17.26
C ASP A 408 -0.53 9.49 16.16
N PRO A 409 0.78 9.21 16.17
CA PRO A 409 1.36 8.37 15.11
C PRO A 409 0.88 6.93 15.13
N TYR A 410 0.11 6.51 16.14
CA TYR A 410 -0.43 5.17 16.21
C TYR A 410 -1.93 5.12 15.96
N ILE A 411 -2.55 6.27 15.72
CA ILE A 411 -3.91 6.32 15.19
C ILE A 411 -3.91 6.53 13.67
N TYR A 412 -2.96 7.33 13.18
CA TYR A 412 -2.79 7.57 11.74
C TYR A 412 -1.57 6.77 11.29
N THR A 413 -1.81 5.60 10.71
CA THR A 413 -0.74 4.69 10.26
C THR A 413 -0.99 4.31 8.81
N PRO A 414 -0.70 5.20 7.87
CA PRO A 414 -0.83 4.83 6.46
C PRO A 414 0.27 3.90 5.98
N PHE A 415 1.40 3.84 6.68
CA PHE A 415 2.50 2.95 6.35
C PHE A 415 2.82 2.00 7.50
N GLY A 416 1.89 1.80 8.42
CA GLY A 416 2.17 0.98 9.57
C GLY A 416 3.06 1.71 10.57
N SER A 417 3.69 0.92 11.44
CA SER A 417 4.60 1.45 12.44
C SER A 417 5.44 0.31 13.01
N GLY A 418 6.65 0.63 13.42
CA GLY A 418 7.53 -0.34 14.04
C GLY A 418 8.54 -0.92 13.07
N PRO A 419 9.25 -1.96 13.51
CA PRO A 419 10.28 -2.57 12.66
C PRO A 419 9.75 -3.18 11.37
N ARG A 420 8.46 -3.49 11.30
CA ARG A 420 7.87 -4.09 10.11
C ARG A 420 6.89 -3.14 9.41
N ASN A 421 7.18 -1.84 9.44
CA ASN A 421 6.37 -0.89 8.70
C ASN A 421 6.73 -0.93 7.23
N CYS A 422 6.12 -0.06 6.44
CA CYS A 422 6.38 -0.01 5.00
C CYS A 422 7.82 0.39 4.74
N ILE A 423 8.62 -0.52 4.18
CA ILE A 423 10.01 -0.22 3.90
C ILE A 423 10.16 0.70 2.69
N GLY A 424 9.12 0.83 1.87
CA GLY A 424 9.18 1.70 0.72
C GLY A 424 8.39 2.97 0.90
N MET A 425 8.23 3.41 2.15
CA MET A 425 7.45 4.61 2.43
C MET A 425 8.06 5.84 1.77
N ARG A 426 9.38 6.04 1.94
CA ARG A 426 10.03 7.19 1.35
C ARG A 426 9.97 7.14 -0.18
N PHE A 427 10.19 5.96 -0.75
CA PHE A 427 10.13 5.81 -2.21
C PHE A 427 8.72 6.06 -2.73
N ALA A 428 7.70 5.55 -2.03
CA ALA A 428 6.33 5.73 -2.49
C ALA A 428 5.91 7.19 -2.39
N LEU A 429 6.28 7.87 -1.30
CA LEU A 429 5.94 9.29 -1.17
C LEU A 429 6.67 10.14 -2.19
N MET A 430 7.95 9.83 -2.45
CA MET A 430 8.71 10.59 -3.44
C MET A 430 8.19 10.33 -4.85
N ASN A 431 7.74 9.10 -5.12
CA ASN A 431 7.25 8.77 -6.45
C ASN A 431 5.93 9.46 -6.75
N MET A 432 5.01 9.45 -5.80
CA MET A 432 3.70 10.08 -6.02
C MET A 432 3.84 11.60 -6.14
N LYS A 433 4.68 12.21 -5.31
CA LYS A 433 4.84 13.66 -5.35
C LYS A 433 5.48 14.11 -6.65
N LEU A 434 6.49 13.36 -7.14
CA LEU A 434 7.09 13.68 -8.42
C LEU A 434 6.08 13.60 -9.56
N ALA A 435 5.10 12.69 -9.45
CA ALA A 435 4.06 12.60 -10.47
C ALA A 435 3.08 13.75 -10.36
N LEU A 436 2.67 14.09 -9.13
CA LEU A 436 1.71 15.18 -8.94
C LEU A 436 2.29 16.52 -9.36
N ILE A 437 3.58 16.75 -9.08
CA ILE A 437 4.20 18.03 -9.42
C ILE A 437 4.23 18.22 -10.94
N ARG A 438 4.73 17.22 -11.65
CA ARG A 438 4.87 17.35 -13.10
C ARG A 438 3.52 17.42 -13.79
N VAL A 439 2.49 16.81 -13.20
CA VAL A 439 1.16 16.82 -13.81
C VAL A 439 0.45 18.14 -13.52
N LEU A 440 0.47 18.57 -12.26
CA LEU A 440 -0.17 19.84 -11.90
C LEU A 440 0.57 21.05 -12.46
N GLN A 441 1.82 20.88 -12.90
CA GLN A 441 2.51 21.98 -13.56
C GLN A 441 1.94 22.28 -14.93
N ASN A 442 1.33 21.28 -15.58
CA ASN A 442 0.86 21.42 -16.94
C ASN A 442 -0.65 21.29 -17.12
N PHE A 443 -1.36 20.67 -16.17
CA PHE A 443 -2.77 20.37 -16.34
C PHE A 443 -3.56 20.73 -15.10
N SER A 444 -4.80 21.20 -15.33
CA SER A 444 -5.79 21.38 -14.28
C SER A 444 -6.92 20.40 -14.48
N PHE A 445 -7.37 19.77 -13.40
CA PHE A 445 -8.33 18.67 -13.45
C PHE A 445 -9.68 19.13 -12.93
N LYS A 446 -10.72 18.87 -13.72
CA LYS A 446 -12.08 19.23 -13.39
C LYS A 446 -12.99 18.02 -13.56
N PRO A 447 -14.04 17.90 -12.74
CA PRO A 447 -14.92 16.74 -12.83
C PRO A 447 -15.73 16.74 -14.12
N CYS A 448 -16.28 15.58 -14.45
CA CYS A 448 -17.13 15.38 -15.61
C CYS A 448 -18.53 14.97 -15.16
N LYS A 449 -19.44 14.88 -16.13
CA LYS A 449 -20.79 14.43 -15.83
C LYS A 449 -20.79 12.98 -15.38
N GLU A 450 -19.92 12.15 -15.95
CA GLU A 450 -19.79 10.75 -15.58
C GLU A 450 -18.85 10.52 -14.40
N THR A 451 -18.26 11.59 -13.85
CA THR A 451 -17.44 11.46 -12.64
C THR A 451 -18.34 11.09 -11.47
N GLN A 452 -18.14 9.89 -10.94
CA GLN A 452 -19.00 9.36 -9.87
C GLN A 452 -18.73 10.15 -8.60
N ILE A 453 -19.59 11.11 -8.31
CA ILE A 453 -19.51 11.94 -7.11
C ILE A 453 -20.77 11.70 -6.29
N PRO A 454 -20.67 11.27 -5.02
CA PRO A 454 -19.40 11.02 -4.33
C PRO A 454 -18.78 9.68 -4.68
N LEU A 455 -17.45 9.58 -4.52
CA LEU A 455 -16.76 8.33 -4.81
C LEU A 455 -17.16 7.25 -3.82
N LYS A 456 -17.56 6.09 -4.35
CA LYS A 456 -17.88 4.93 -3.54
C LYS A 456 -16.75 3.91 -3.63
N LEU A 457 -16.36 3.37 -2.49
CA LEU A 457 -15.26 2.42 -2.44
C LEU A 457 -15.74 1.02 -2.81
N SER A 458 -14.84 0.24 -3.39
CA SER A 458 -15.15 -1.13 -3.76
C SER A 458 -15.28 -1.99 -2.51
N LEU A 459 -16.23 -2.93 -2.55
CA LEU A 459 -16.49 -3.83 -1.44
C LEU A 459 -15.68 -5.13 -1.53
N GLY A 460 -14.53 -5.08 -2.18
CA GLY A 460 -13.70 -6.26 -2.36
C GLY A 460 -12.60 -6.37 -1.31
N GLY A 461 -11.44 -6.83 -1.75
CA GLY A 461 -10.31 -7.01 -0.85
C GLY A 461 -9.25 -5.95 -0.98
N LEU A 462 -9.38 -5.09 -1.99
CA LEU A 462 -8.45 -4.00 -2.24
C LEU A 462 -9.20 -2.67 -2.11
N LEU A 463 -8.55 -1.69 -1.49
CA LEU A 463 -9.14 -0.37 -1.33
C LEU A 463 -9.02 0.37 -2.66
N GLN A 464 -10.09 0.34 -3.44
CA GLN A 464 -10.15 0.97 -4.76
C GLN A 464 -11.55 1.51 -4.96
N PRO A 465 -11.71 2.52 -5.82
CA PRO A 465 -13.05 3.04 -6.08
C PRO A 465 -13.91 2.01 -6.80
N GLU A 466 -15.20 2.02 -6.48
CA GLU A 466 -16.14 1.12 -7.15
C GLU A 466 -16.12 1.34 -8.66
N LYS A 467 -16.50 2.54 -9.09
CA LYS A 467 -16.35 2.93 -10.49
C LYS A 467 -15.03 3.67 -10.69
N PRO A 468 -14.36 3.44 -11.82
CA PRO A 468 -13.08 4.12 -12.07
C PRO A 468 -13.27 5.62 -12.13
N VAL A 469 -12.28 6.35 -11.61
CA VAL A 469 -12.35 7.81 -11.54
C VAL A 469 -12.08 8.37 -12.93
N VAL A 470 -13.01 9.19 -13.42
CA VAL A 470 -12.88 9.85 -14.72
C VAL A 470 -12.97 11.36 -14.49
N LEU A 471 -12.04 12.10 -15.08
CA LEU A 471 -11.97 13.55 -14.91
C LEU A 471 -11.66 14.20 -16.25
N LYS A 472 -11.87 15.51 -16.31
CA LYS A 472 -11.55 16.31 -17.49
C LYS A 472 -10.19 16.96 -17.29
N VAL A 473 -9.30 16.77 -18.26
CA VAL A 473 -7.94 17.28 -18.20
C VAL A 473 -7.84 18.48 -19.14
N GLU A 474 -7.49 19.63 -18.59
CA GLU A 474 -7.32 20.85 -19.37
C GLU A 474 -5.87 21.32 -19.24
N SER A 475 -5.35 21.91 -20.31
CA SER A 475 -3.96 22.34 -20.36
C SER A 475 -3.83 23.76 -19.86
N ARG A 476 -2.77 24.02 -19.10
CA ARG A 476 -2.48 25.35 -18.58
C ARG A 476 -1.72 26.17 -19.62
CHA HEM B . 4.40 -2.94 4.02
CHB HEM B . 1.68 0.96 2.97
CHC HEM B . 3.98 1.37 -1.28
CHD HEM B . 7.07 -2.14 0.03
C1A HEM B . 3.44 -1.95 4.10
C2A HEM B . 2.48 -1.76 5.16
C3A HEM B . 1.73 -0.70 4.87
C4A HEM B . 2.19 -0.15 3.61
CMA HEM B . 0.57 -0.13 5.73
CAA HEM B . 2.34 -2.66 6.41
CBA HEM B . 2.98 -1.96 7.61
CGA HEM B . 2.73 -2.76 8.86
O1A HEM B . 3.01 -2.22 9.97
O2A HEM B . 2.27 -3.92 8.76
C1B HEM B . 2.06 1.42 1.73
C2B HEM B . 1.52 2.58 1.04
C3B HEM B . 2.17 2.70 -0.13
C4B HEM B . 3.12 1.61 -0.23
CMB HEM B . 0.42 3.47 1.63
CAB HEM B . 2.01 3.75 -1.27
CBB HEM B . 1.12 4.77 -1.26
C1C HEM B . 5.07 0.53 -1.26
C2C HEM B . 6.15 0.51 -2.23
C3C HEM B . 7.01 -0.44 -1.88
C4C HEM B . 6.50 -1.09 -0.68
CMC HEM B . 6.29 1.45 -3.45
CAC HEM B . 8.30 -0.75 -2.68
CBC HEM B . 9.16 -1.71 -2.33
C1D HEM B . 6.59 -2.69 1.20
C2D HEM B . 7.12 -3.86 1.86
C3D HEM B . 6.39 -4.09 2.96
C4D HEM B . 5.37 -3.06 3.04
CMD HEM B . 8.32 -4.71 1.37
CAD HEM B . 6.59 -5.24 3.98
CBD HEM B . 7.79 -4.92 4.87
CGD HEM B . 8.02 -6.04 5.85
O1D HEM B . 9.09 -6.04 6.51
O2D HEM B . 7.14 -6.92 5.98
NA HEM B . 3.24 -0.94 3.17
NB HEM B . 3.04 0.85 0.93
NC HEM B . 5.32 -0.46 -0.33
ND HEM B . 5.52 -2.22 1.95
FE HEM B . 4.32 -0.65 1.46
C1 GOL C . -14.75 -2.41 3.06
O1 GOL C . -14.21 -2.50 4.38
C2 GOL C . -13.67 -2.03 2.05
O2 GOL C . -14.25 -1.37 0.95
C3 GOL C . -12.95 -3.29 1.57
O3 GOL C . -13.88 -4.14 0.95
C10 X7P D . -0.92 -11.04 1.77
C02 X7P D . -6.71 -10.42 1.41
C03 X7P D . -7.61 -11.66 1.33
C04 X7P D . -6.39 -10.09 2.87
C06 X7P D . -4.36 -9.91 0.67
C09 X7P D . -1.84 -9.90 1.08
C12 X7P D . 1.46 -8.97 1.86
C13 X7P D . 1.90 -8.02 3.02
C01 X7P D . -7.54 -9.22 0.89
C14 X7P D . 1.00 -6.80 3.20
C15 X7P D . 1.38 -5.51 2.80
C16 X7P D . 0.52 -4.42 2.95
C17 X7P D . -0.75 -4.58 3.49
C18 X7P D . -1.14 -5.85 3.88
C19 X7P D . -0.28 -6.93 3.72
C20 X7P D . 2.58 -9.31 0.85
C23 X7P D . 2.26 -7.12 -0.40
C24 X7P D . 3.03 -6.20 -1.38
C25 X7P D . 3.68 -4.97 -0.71
C26 X7P D . 2.75 -3.83 -0.32
C27 X7P D . 3.21 -2.76 0.46
C29 X7P D . 1.18 -1.63 0.47
C30 X7P D . 0.61 -2.65 -0.31
C31 X7P D . 1.40 -3.73 -0.70
C32 X7P D . -1.19 -9.09 -0.14
C33 X7P D . -0.19 -9.70 -1.15
C34 X7P D . 0.43 -10.95 -1.06
C35 X7P D . 1.32 -11.42 -2.02
C36 X7P D . 1.62 -10.64 -3.13
C37 X7P D . 1.02 -9.40 -3.25
C38 X7P D . 0.14 -8.95 -2.27
N08 X7P D . -3.12 -10.54 0.67
N22 X7P D . 2.91 -8.43 -0.18
N28 X7P D . 2.48 -1.69 0.85
O05 X7P D . -5.52 -10.68 0.64
O07 X7P D . -4.49 -8.72 0.35
O21 X7P D . 3.21 -10.39 0.92
S11 X7P D . 0.74 -10.59 2.54
#